data_1KY6
#
_entry.id   1KY6
#
_cell.length_a   37.302
_cell.length_b   40.896
_cell.length_c   41.611
_cell.angle_alpha   99.28
_cell.angle_beta   96.42
_cell.angle_gamma   109.47
#
_symmetry.space_group_name_H-M   'P 1'
#
loop_
_entity.id
_entity.type
_entity.pdbx_description
1 polymer 'ALPHA-ADAPTIN C'
2 polymer 'EH DOMAIN BINDING PROTEIN EPSIN'
3 non-polymer 'SULFATE ION'
4 water water
#
loop_
_entity_poly.entity_id
_entity_poly.type
_entity_poly.pdbx_seq_one_letter_code
_entity_poly.pdbx_strand_id
1 'polypeptide(L)'
;GSPGIRLGSSEDNFARFVCKNNGVLFENQLLQIGLKSEFRQNLGRMFIFYGNKTSTQFLNFTPTLICADDLQTNLNLQTK
PVDPTVDGGAQVQQVVNIECISDFTEAPVLNIQFRYGGTFQNVSVKLPITLNKFFQPTEMASQDFFQRWKQLSNPQQEVQ
NIFKAKHPMDTEITKAKIIGFGSALLEEVDPNPANFVGAGIIHTKTTQIGCLLRLEPNLQAQMYRLTLRTSKDTVSQRLC
ELLSEQF
;
A
2 'polypeptide(L)' FSDPWGG P
#
# COMPACT_ATOMS: atom_id res chain seq x y z
N GLY A 1 -7.48 -9.58 -17.45
CA GLY A 1 -7.99 -8.83 -16.25
C GLY A 1 -7.58 -9.43 -14.90
N SER A 2 -6.46 -10.14 -14.88
CA SER A 2 -5.93 -10.77 -13.65
C SER A 2 -6.77 -11.97 -13.14
N PRO A 3 -7.16 -12.89 -14.06
CA PRO A 3 -7.95 -14.08 -13.68
C PRO A 3 -7.21 -15.22 -12.97
N GLY A 4 -7.98 -16.21 -12.53
CA GLY A 4 -7.40 -17.37 -11.85
C GLY A 4 -7.38 -17.24 -10.34
N ILE A 5 -7.42 -18.39 -9.67
CA ILE A 5 -7.42 -18.44 -8.21
C ILE A 5 -6.25 -17.64 -7.62
N ARG A 6 -6.53 -16.70 -6.73
CA ARG A 6 -5.47 -15.91 -6.11
C ARG A 6 -4.91 -16.66 -4.88
N LEU A 7 -4.26 -17.79 -5.15
CA LEU A 7 -3.66 -18.62 -4.12
C LEU A 7 -2.36 -19.16 -4.74
N GLY A 8 -1.24 -18.90 -4.09
CA GLY A 8 0.02 -19.35 -4.66
C GLY A 8 0.34 -18.43 -5.83
N SER A 9 -0.09 -17.18 -5.71
CA SER A 9 0.13 -16.16 -6.73
C SER A 9 1.22 -15.21 -6.23
N SER A 10 1.45 -14.12 -6.95
CA SER A 10 2.45 -13.12 -6.56
C SER A 10 1.84 -12.01 -5.72
N GLU A 11 0.56 -12.14 -5.40
CA GLU A 11 -0.12 -11.10 -4.63
C GLU A 11 -1.17 -11.58 -3.61
N ASP A 12 -1.03 -12.79 -3.10
CA ASP A 12 -2.00 -13.29 -2.11
C ASP A 12 -2.26 -12.35 -0.94
N ASN A 13 -1.25 -11.66 -0.44
CA ASN A 13 -1.42 -10.77 0.72
C ASN A 13 -1.19 -9.26 0.50
N PHE A 14 -0.91 -8.87 -0.73
CA PHE A 14 -0.69 -7.47 -1.09
C PHE A 14 -1.59 -6.47 -0.39
N ALA A 15 -2.90 -6.68 -0.51
CA ALA A 15 -3.89 -5.78 0.10
C ALA A 15 -3.74 -5.60 1.61
N ARG A 16 -3.11 -6.55 2.29
CA ARG A 16 -2.94 -6.40 3.72
C ARG A 16 -1.87 -5.39 4.06
N PHE A 17 -1.17 -4.86 3.06
CA PHE A 17 -0.14 -3.90 3.37
C PHE A 17 -0.37 -2.51 2.86
N VAL A 18 -1.63 -2.22 2.53
CA VAL A 18 -1.99 -0.92 2.02
C VAL A 18 -2.24 0.06 3.16
N CYS A 19 -2.87 -0.42 4.25
CA CYS A 19 -3.17 0.46 5.39
C CYS A 19 -2.28 0.26 6.62
N LYS A 20 -1.23 -0.54 6.47
CA LYS A 20 -0.27 -0.77 7.55
C LYS A 20 1.04 -1.12 6.85
N ASN A 21 2.15 -1.00 7.56
CA ASN A 21 3.47 -1.25 6.95
C ASN A 21 4.21 -2.53 7.35
N ASN A 22 3.74 -3.23 8.37
CA ASN A 22 4.43 -4.41 8.83
C ASN A 22 3.61 -5.67 8.76
N GLY A 23 4.31 -6.80 8.67
CA GLY A 23 3.66 -8.09 8.62
C GLY A 23 4.28 -9.06 7.62
N VAL A 24 3.71 -10.26 7.57
CA VAL A 24 4.18 -11.32 6.68
C VAL A 24 3.54 -11.17 5.31
N LEU A 25 4.36 -10.81 4.33
CA LEU A 25 3.92 -10.62 2.97
C LEU A 25 3.84 -11.94 2.22
N PHE A 26 4.74 -12.85 2.54
CA PHE A 26 4.78 -14.11 1.80
C PHE A 26 5.35 -15.23 2.64
N GLU A 27 4.90 -16.44 2.35
CA GLU A 27 5.41 -17.59 3.06
C GLU A 27 5.12 -18.91 2.36
N ASN A 28 6.18 -19.63 2.00
CA ASN A 28 6.02 -20.97 1.42
C ASN A 28 6.62 -21.89 2.47
N GLN A 29 7.09 -23.06 2.09
CA GLN A 29 7.62 -23.99 3.10
C GLN A 29 9.10 -23.84 3.42
N LEU A 30 9.76 -22.92 2.73
CA LEU A 30 11.18 -22.70 2.96
C LEU A 30 11.44 -21.30 3.47
N LEU A 31 10.71 -20.34 2.91
CA LEU A 31 10.90 -18.94 3.18
C LEU A 31 9.73 -18.11 3.72
N GLN A 32 10.06 -17.22 4.64
CA GLN A 32 9.13 -16.27 5.24
C GLN A 32 9.62 -14.87 4.83
N ILE A 33 8.73 -14.01 4.36
CA ILE A 33 9.16 -12.66 4.01
C ILE A 33 8.30 -11.69 4.81
N GLY A 34 8.98 -10.90 5.65
CA GLY A 34 8.31 -9.94 6.50
C GLY A 34 8.66 -8.51 6.10
N LEU A 35 7.93 -7.54 6.62
CA LEU A 35 8.16 -6.14 6.24
C LEU A 35 7.97 -5.12 7.37
N LYS A 36 8.51 -3.95 7.10
CA LYS A 36 8.43 -2.78 7.96
C LYS A 36 8.82 -1.69 6.99
N SER A 37 8.22 -0.51 7.14
CA SER A 37 8.60 0.59 6.29
C SER A 37 8.11 1.87 6.95
N GLU A 38 8.60 2.99 6.45
CA GLU A 38 8.23 4.29 6.96
C GLU A 38 8.33 5.23 5.75
N PHE A 39 7.54 6.27 5.74
CA PHE A 39 7.54 7.21 4.63
C PHE A 39 7.46 8.61 5.17
N ARG A 40 8.01 9.56 4.42
CA ARG A 40 8.01 10.95 4.83
C ARG A 40 8.10 11.77 3.55
N GLN A 41 7.16 12.69 3.38
CA GLN A 41 7.10 13.53 2.19
C GLN A 41 6.98 12.57 1.02
N ASN A 42 7.85 12.71 0.02
CA ASN A 42 7.81 11.83 -1.14
C ASN A 42 8.86 10.71 -1.05
N LEU A 43 9.33 10.43 0.16
CA LEU A 43 10.36 9.39 0.34
C LEU A 43 9.94 8.29 1.28
N GLY A 44 10.61 7.16 1.14
CA GLY A 44 10.31 6.05 2.02
C GLY A 44 11.51 5.15 2.22
N ARG A 45 11.39 4.25 3.20
CA ARG A 45 12.42 3.26 3.45
C ARG A 45 11.71 2.00 3.87
N MET A 46 12.00 0.92 3.17
CA MET A 46 11.35 -0.35 3.46
C MET A 46 12.38 -1.40 3.80
N PHE A 47 12.14 -2.13 4.89
CA PHE A 47 13.02 -3.21 5.28
C PHE A 47 12.31 -4.51 4.96
N ILE A 48 12.97 -5.35 4.18
CA ILE A 48 12.38 -6.62 3.85
C ILE A 48 13.17 -7.68 4.62
N PHE A 49 12.46 -8.54 5.34
CA PHE A 49 13.11 -9.60 6.11
C PHE A 49 12.87 -10.98 5.53
N TYR A 50 13.96 -11.73 5.39
CA TYR A 50 13.90 -13.05 4.83
C TYR A 50 14.21 -14.13 5.84
N GLY A 51 13.19 -14.88 6.25
CA GLY A 51 13.42 -15.91 7.24
C GLY A 51 13.54 -17.31 6.67
N ASN A 52 14.60 -18.01 7.05
CA ASN A 52 14.85 -19.36 6.60
C ASN A 52 14.14 -20.32 7.56
N LYS A 53 13.07 -20.95 7.09
CA LYS A 53 12.28 -21.87 7.93
C LYS A 53 12.91 -23.27 8.14
N THR A 54 14.00 -23.56 7.42
CA THR A 54 14.60 -24.88 7.52
C THR A 54 15.80 -25.02 8.45
N SER A 55 16.30 -26.24 8.52
CA SER A 55 17.46 -26.58 9.35
C SER A 55 18.72 -26.55 8.48
N THR A 56 18.55 -26.08 7.24
CA THR A 56 19.62 -25.99 6.24
C THR A 56 19.78 -24.55 5.74
N GLN A 57 21.01 -24.10 5.50
CA GLN A 57 21.18 -22.72 5.05
C GLN A 57 21.01 -22.49 3.53
N PHE A 58 20.50 -21.33 3.14
CA PHE A 58 20.33 -21.00 1.73
C PHE A 58 21.64 -20.40 1.24
N LEU A 59 21.95 -20.56 -0.05
CA LEU A 59 23.18 -20.03 -0.65
C LEU A 59 22.80 -19.11 -1.81
N ASN A 60 23.68 -18.17 -2.14
CA ASN A 60 23.46 -17.21 -3.22
C ASN A 60 22.08 -16.57 -3.11
N PHE A 61 21.67 -16.17 -1.90
CA PHE A 61 20.35 -15.56 -1.74
C PHE A 61 20.37 -14.23 -2.47
N THR A 62 19.66 -14.15 -3.60
CA THR A 62 19.61 -12.96 -4.44
C THR A 62 18.23 -12.31 -4.61
N PRO A 63 17.91 -11.30 -3.80
CA PRO A 63 16.59 -10.70 -3.99
C PRO A 63 16.74 -9.50 -4.94
N THR A 64 15.91 -9.43 -6.00
CA THR A 64 15.99 -8.32 -6.93
C THR A 64 14.64 -7.64 -7.10
N LEU A 65 14.69 -6.32 -7.26
CA LEU A 65 13.51 -5.48 -7.43
C LEU A 65 13.30 -5.21 -8.91
N ILE A 66 12.08 -5.45 -9.39
CA ILE A 66 11.78 -5.27 -10.81
C ILE A 66 10.61 -4.33 -11.06
N CYS A 67 10.85 -3.31 -11.88
CA CYS A 67 9.83 -2.34 -12.19
C CYS A 67 9.67 -2.15 -13.70
N ALA A 68 8.43 -2.20 -14.19
CA ALA A 68 8.23 -1.97 -15.62
C ALA A 68 8.81 -0.58 -15.88
N ASP A 69 9.02 -0.26 -17.16
CA ASP A 69 9.59 1.03 -17.55
C ASP A 69 8.79 2.23 -17.05
N ASP A 70 7.47 2.12 -17.18
CA ASP A 70 6.54 3.15 -16.77
C ASP A 70 6.69 3.40 -15.26
N LEU A 71 6.78 2.33 -14.50
CA LEU A 71 6.91 2.45 -13.06
C LEU A 71 8.26 3.08 -12.66
N GLN A 72 9.30 2.79 -13.45
CA GLN A 72 10.63 3.33 -13.16
C GLN A 72 10.72 4.83 -13.38
N THR A 73 9.82 5.39 -14.18
CA THR A 73 9.88 6.83 -14.38
C THR A 73 9.20 7.56 -13.23
N ASN A 74 8.29 6.88 -12.52
CA ASN A 74 7.56 7.52 -11.41
C ASN A 74 8.06 7.18 -10.00
N LEU A 75 8.71 6.03 -9.88
CA LEU A 75 9.20 5.52 -8.60
C LEU A 75 10.65 5.12 -8.69
N ASN A 76 11.47 5.74 -7.86
CA ASN A 76 12.90 5.44 -7.85
C ASN A 76 13.28 4.62 -6.63
N LEU A 77 13.74 3.40 -6.86
CA LEU A 77 14.15 2.52 -5.79
C LEU A 77 15.65 2.21 -5.82
N GLN A 78 16.28 2.25 -4.66
CA GLN A 78 17.70 1.94 -4.53
C GLN A 78 17.83 0.96 -3.37
N THR A 79 18.75 0.01 -3.49
CA THR A 79 18.90 -0.96 -2.42
C THR A 79 20.35 -1.29 -2.11
N LYS A 80 20.60 -1.83 -0.92
CA LYS A 80 21.95 -2.19 -0.51
C LYS A 80 22.11 -3.70 -0.66
N PRO A 81 23.34 -4.18 -0.63
CA PRO A 81 23.57 -5.63 -0.77
C PRO A 81 22.99 -6.43 0.38
N VAL A 82 22.64 -7.69 0.11
CA VAL A 82 22.09 -8.61 1.10
C VAL A 82 23.00 -9.81 1.27
N ASP A 83 23.24 -10.19 2.54
CA ASP A 83 24.04 -11.36 2.87
C ASP A 83 23.45 -12.48 2.00
N PRO A 84 24.28 -13.14 1.15
CA PRO A 84 23.80 -14.23 0.28
C PRO A 84 23.67 -15.59 0.93
N THR A 85 24.13 -15.70 2.18
CA THR A 85 24.05 -16.97 2.90
C THR A 85 23.11 -16.80 4.07
N VAL A 86 22.04 -17.58 4.11
CA VAL A 86 21.05 -17.49 5.18
C VAL A 86 21.01 -18.80 5.95
N ASP A 87 21.43 -18.78 7.21
CA ASP A 87 21.43 -19.99 8.03
C ASP A 87 19.98 -20.49 8.26
N GLY A 88 19.84 -21.80 8.43
CA GLY A 88 18.53 -22.34 8.75
C GLY A 88 18.06 -21.67 10.03
N GLY A 89 16.79 -21.30 10.11
CA GLY A 89 16.33 -20.65 11.32
C GLY A 89 16.81 -19.20 11.42
N ALA A 90 17.65 -18.78 10.48
CA ALA A 90 18.17 -17.43 10.49
C ALA A 90 17.39 -16.49 9.57
N GLN A 91 17.61 -15.21 9.79
CA GLN A 91 16.94 -14.16 9.06
C GLN A 91 17.98 -13.18 8.49
N VAL A 92 17.73 -12.61 7.32
CA VAL A 92 18.64 -11.59 6.72
C VAL A 92 17.78 -10.40 6.30
N GLN A 93 18.38 -9.21 6.32
CA GLN A 93 17.64 -7.99 6.00
C GLN A 93 18.05 -7.27 4.72
N GLN A 94 17.07 -6.67 4.03
CA GLN A 94 17.32 -5.88 2.82
C GLN A 94 16.68 -4.51 3.06
N VAL A 95 17.39 -3.46 2.64
CA VAL A 95 16.89 -2.10 2.80
C VAL A 95 16.63 -1.56 1.42
N VAL A 96 15.44 -1.00 1.23
CA VAL A 96 15.04 -0.42 -0.03
C VAL A 96 14.74 1.07 0.25
N ASN A 97 15.51 1.96 -0.39
CA ASN A 97 15.30 3.40 -0.24
C ASN A 97 14.38 3.79 -1.38
N ILE A 98 13.32 4.51 -1.05
CA ILE A 98 12.27 4.88 -2.00
C ILE A 98 12.09 6.38 -2.27
N GLU A 99 12.01 6.75 -3.55
CA GLU A 99 11.77 8.15 -3.89
C GLU A 99 10.67 8.20 -4.91
N CYS A 100 9.54 8.81 -4.56
CA CYS A 100 8.43 8.91 -5.49
C CYS A 100 8.63 10.13 -6.39
N ILE A 101 8.70 9.90 -7.70
CA ILE A 101 8.92 11.00 -8.65
C ILE A 101 7.60 11.64 -9.09
N SER A 102 6.60 10.81 -9.28
CA SER A 102 5.28 11.25 -9.69
C SER A 102 4.32 10.13 -9.29
N ASP A 103 3.02 10.40 -9.36
CA ASP A 103 2.06 9.36 -8.97
C ASP A 103 2.25 8.15 -9.87
N PHE A 104 1.99 6.95 -9.31
CA PHE A 104 2.16 5.68 -10.02
C PHE A 104 1.05 4.75 -9.60
N THR A 105 0.75 3.78 -10.45
CA THR A 105 -0.29 2.81 -10.18
C THR A 105 0.22 1.38 -10.06
N GLU A 106 1.24 1.04 -10.85
CA GLU A 106 1.77 -0.32 -10.79
C GLU A 106 2.59 -0.57 -9.53
N ALA A 107 2.90 -1.82 -9.28
CA ALA A 107 3.65 -2.17 -8.10
C ALA A 107 4.95 -2.82 -8.51
N PRO A 108 6.00 -2.64 -7.70
CA PRO A 108 7.29 -3.26 -8.03
C PRO A 108 7.13 -4.77 -7.80
N VAL A 109 7.98 -5.57 -8.44
CA VAL A 109 7.94 -7.00 -8.23
C VAL A 109 9.23 -7.38 -7.51
N LEU A 110 9.10 -8.19 -6.46
CA LEU A 110 10.29 -8.62 -5.73
C LEU A 110 10.55 -10.05 -6.16
N ASN A 111 11.70 -10.29 -6.78
CA ASN A 111 12.03 -11.64 -7.20
C ASN A 111 13.14 -12.17 -6.31
N ILE A 112 12.88 -13.35 -5.73
CA ILE A 112 13.84 -14.01 -4.84
C ILE A 112 14.35 -15.31 -5.49
N GLN A 113 15.65 -15.42 -5.64
CA GLN A 113 16.24 -16.61 -6.23
C GLN A 113 17.34 -17.06 -5.28
N PHE A 114 17.39 -18.34 -4.94
CA PHE A 114 18.42 -18.83 -4.05
C PHE A 114 18.64 -20.34 -4.22
N ARG A 115 19.62 -20.88 -3.51
CA ARG A 115 19.92 -22.32 -3.58
C ARG A 115 19.59 -22.92 -2.23
N TYR A 116 18.95 -24.09 -2.28
CA TYR A 116 18.55 -24.81 -1.09
C TYR A 116 18.57 -26.31 -1.37
N GLY A 117 19.33 -27.05 -0.56
CA GLY A 117 19.42 -28.49 -0.74
C GLY A 117 19.92 -28.93 -2.12
N GLY A 118 20.71 -28.09 -2.78
CA GLY A 118 21.21 -28.45 -4.08
C GLY A 118 20.20 -28.18 -5.18
N THR A 119 19.22 -27.31 -4.92
CA THR A 119 18.23 -26.99 -5.95
C THR A 119 18.03 -25.48 -6.07
N PHE A 120 17.51 -25.08 -7.22
CA PHE A 120 17.24 -23.66 -7.48
C PHE A 120 15.81 -23.30 -7.12
N GLN A 121 15.67 -22.29 -6.24
CA GLN A 121 14.40 -21.79 -5.76
C GLN A 121 14.20 -20.37 -6.30
N ASN A 122 12.97 -20.09 -6.70
CA ASN A 122 12.62 -18.81 -7.28
C ASN A 122 11.24 -18.45 -6.75
N VAL A 123 11.09 -17.19 -6.36
CA VAL A 123 9.84 -16.70 -5.81
C VAL A 123 9.65 -15.28 -6.32
N SER A 124 8.41 -14.93 -6.67
CA SER A 124 8.10 -13.58 -7.15
C SER A 124 6.86 -13.13 -6.41
N VAL A 125 6.96 -11.97 -5.76
CA VAL A 125 5.83 -11.41 -5.00
C VAL A 125 5.73 -9.90 -5.26
N LYS A 126 4.52 -9.40 -5.45
CA LYS A 126 4.34 -7.98 -5.68
C LYS A 126 4.66 -7.25 -4.38
N LEU A 127 5.47 -6.19 -4.49
CA LEU A 127 5.90 -5.40 -3.35
C LEU A 127 4.87 -4.32 -3.05
N PRO A 128 4.40 -4.24 -1.79
CA PRO A 128 3.41 -3.22 -1.44
C PRO A 128 3.85 -1.77 -1.23
N ILE A 129 4.47 -1.19 -2.25
CA ILE A 129 4.82 0.21 -2.20
C ILE A 129 3.67 0.79 -3.02
N THR A 130 2.78 1.53 -2.37
CA THR A 130 1.62 2.08 -3.06
C THR A 130 1.56 3.60 -2.90
N LEU A 131 0.81 4.25 -3.77
CA LEU A 131 0.68 5.71 -3.76
C LEU A 131 0.30 6.37 -2.43
N ASN A 132 -0.68 5.82 -1.70
CA ASN A 132 -1.13 6.42 -0.44
C ASN A 132 -0.04 6.47 0.64
N LYS A 133 1.06 5.74 0.44
CA LYS A 133 2.15 5.75 1.42
C LYS A 133 2.80 7.14 1.49
N PHE A 134 2.57 7.96 0.46
CA PHE A 134 3.18 9.30 0.44
C PHE A 134 2.22 10.39 0.86
N PHE A 135 1.25 10.00 1.68
CA PHE A 135 0.28 10.93 2.18
C PHE A 135 0.83 11.81 3.32
N GLN A 136 0.36 13.05 3.35
CA GLN A 136 0.64 13.96 4.46
C GLN A 136 -0.80 14.22 4.89
N PRO A 137 -1.18 13.80 6.09
CA PRO A 137 -2.56 14.06 6.51
C PRO A 137 -2.75 15.57 6.78
N THR A 138 -3.93 16.08 6.47
CA THR A 138 -4.22 17.48 6.67
C THR A 138 -5.53 17.70 7.43
N GLU A 139 -5.40 18.02 8.71
CA GLU A 139 -6.56 18.28 9.57
C GLU A 139 -7.11 19.65 9.18
N MET A 140 -8.42 19.81 9.22
CA MET A 140 -8.99 21.10 8.88
C MET A 140 -10.40 21.15 9.42
N ALA A 141 -10.87 22.38 9.61
CA ALA A 141 -12.20 22.64 10.11
C ALA A 141 -13.20 22.33 9.01
N SER A 142 -14.42 22.02 9.42
CA SER A 142 -15.50 21.71 8.52
C SER A 142 -15.58 22.66 7.32
N GLN A 143 -15.83 23.94 7.61
CA GLN A 143 -15.92 24.95 6.57
C GLN A 143 -14.74 24.91 5.58
N ASP A 144 -13.53 24.71 6.06
CA ASP A 144 -12.38 24.66 5.13
C ASP A 144 -12.47 23.45 4.22
N PHE A 145 -13.00 22.35 4.74
CA PHE A 145 -13.11 21.15 3.94
C PHE A 145 -14.09 21.36 2.80
N PHE A 146 -15.26 21.88 3.12
CA PHE A 146 -16.26 22.10 2.08
C PHE A 146 -15.82 23.11 1.04
N GLN A 147 -15.08 24.14 1.46
CA GLN A 147 -14.61 25.14 0.49
C GLN A 147 -13.70 24.47 -0.52
N ARG A 148 -12.84 23.59 -0.04
CA ARG A 148 -11.92 22.90 -0.94
C ARG A 148 -12.62 21.83 -1.79
N TRP A 149 -13.57 21.13 -1.19
CA TRP A 149 -14.33 20.10 -1.87
C TRP A 149 -15.01 20.71 -3.11
N LYS A 150 -15.52 21.92 -2.92
CA LYS A 150 -16.22 22.61 -3.98
C LYS A 150 -15.35 23.40 -4.96
N GLN A 151 -14.03 23.19 -4.91
CA GLN A 151 -13.13 23.86 -5.85
C GLN A 151 -12.70 22.94 -6.99
N LEU A 152 -13.24 21.73 -7.02
CA LEU A 152 -12.90 20.79 -8.10
C LEU A 152 -13.44 21.34 -9.43
N SER A 153 -12.62 21.29 -10.46
CA SER A 153 -13.04 21.83 -11.75
C SER A 153 -13.29 20.82 -12.88
N ASN A 154 -12.30 20.02 -13.22
CA ASN A 154 -12.47 19.04 -14.29
C ASN A 154 -13.10 17.79 -13.70
N PRO A 155 -14.21 17.32 -14.26
CA PRO A 155 -14.86 16.12 -13.72
C PRO A 155 -13.95 14.89 -13.63
N GLN A 156 -12.90 14.84 -14.46
CA GLN A 156 -11.98 13.71 -14.42
C GLN A 156 -11.30 13.60 -13.05
N GLN A 157 -11.31 14.70 -12.29
CA GLN A 157 -10.68 14.70 -10.97
C GLN A 157 -11.54 14.06 -9.86
N GLU A 158 -12.79 13.80 -10.17
CA GLU A 158 -13.63 13.15 -9.19
C GLU A 158 -13.80 11.72 -9.66
N VAL A 159 -13.57 10.76 -8.77
CA VAL A 159 -13.77 9.36 -9.11
C VAL A 159 -14.61 8.74 -8.03
N GLN A 160 -15.69 8.08 -8.43
CA GLN A 160 -16.60 7.45 -7.47
C GLN A 160 -16.73 5.96 -7.68
N ASN A 161 -16.82 5.24 -6.56
CA ASN A 161 -16.95 3.79 -6.65
C ASN A 161 -18.00 3.31 -5.62
N ILE A 162 -19.04 2.67 -6.14
CA ILE A 162 -20.12 2.10 -5.32
C ILE A 162 -19.88 0.59 -5.37
N PHE A 163 -19.33 0.02 -4.29
CA PHE A 163 -18.96 -1.40 -4.23
C PHE A 163 -19.53 -2.17 -3.04
N LYS A 164 -19.41 -3.49 -3.08
CA LYS A 164 -19.90 -4.33 -1.99
C LYS A 164 -18.86 -4.46 -0.90
N ALA A 165 -19.32 -4.41 0.34
CA ALA A 165 -18.43 -4.54 1.48
C ALA A 165 -17.88 -5.96 1.49
N LYS A 166 -16.58 -6.08 1.62
CA LYS A 166 -15.95 -7.40 1.69
C LYS A 166 -15.79 -7.76 3.16
N HIS A 167 -15.86 -6.74 4.01
CA HIS A 167 -15.72 -6.94 5.44
C HIS A 167 -16.92 -6.44 6.21
N PRO A 168 -17.18 -7.03 7.38
CA PRO A 168 -18.32 -6.57 8.16
C PRO A 168 -18.14 -5.08 8.36
N MET A 169 -19.22 -4.33 8.30
CA MET A 169 -19.12 -2.90 8.51
C MET A 169 -18.89 -2.76 10.00
N ASP A 170 -18.00 -1.86 10.37
CA ASP A 170 -17.67 -1.62 11.76
C ASP A 170 -17.09 -0.23 11.80
N THR A 171 -17.70 0.64 12.59
CA THR A 171 -17.25 2.01 12.68
C THR A 171 -15.78 2.20 13.05
N GLU A 172 -15.34 1.59 14.14
CA GLU A 172 -13.97 1.75 14.56
C GLU A 172 -12.96 1.20 13.54
N ILE A 173 -13.22 0.02 13.01
CA ILE A 173 -12.32 -0.55 12.00
C ILE A 173 -12.23 0.39 10.80
N THR A 174 -13.37 0.93 10.36
CA THR A 174 -13.39 1.83 9.21
C THR A 174 -12.53 3.05 9.50
N LYS A 175 -12.71 3.62 10.69
CA LYS A 175 -11.91 4.78 11.06
C LYS A 175 -10.42 4.41 11.03
N ALA A 176 -10.10 3.21 11.53
CA ALA A 176 -8.72 2.72 11.59
C ALA A 176 -8.13 2.50 10.22
N LYS A 177 -8.94 2.03 9.29
CA LYS A 177 -8.52 1.79 7.92
C LYS A 177 -8.24 3.11 7.21
N ILE A 178 -9.05 4.14 7.50
CA ILE A 178 -8.85 5.43 6.85
C ILE A 178 -7.57 6.06 7.38
N ILE A 179 -7.41 6.05 8.70
CA ILE A 179 -6.20 6.58 9.31
C ILE A 179 -4.98 5.83 8.74
N GLY A 180 -5.05 4.50 8.70
CA GLY A 180 -3.92 3.73 8.17
C GLY A 180 -3.61 4.01 6.71
N PHE A 181 -4.64 4.32 5.93
CA PHE A 181 -4.47 4.60 4.51
C PHE A 181 -3.53 5.80 4.34
N GLY A 182 -3.64 6.77 5.27
CA GLY A 182 -2.74 7.91 5.21
C GLY A 182 -3.32 9.31 5.34
N SER A 183 -4.57 9.50 4.96
CA SER A 183 -5.16 10.83 5.05
C SER A 183 -5.60 11.11 6.49
N ALA A 184 -6.02 12.35 6.74
CA ALA A 184 -6.50 12.70 8.06
C ALA A 184 -7.97 12.28 8.09
N LEU A 185 -8.45 11.83 9.24
CA LEU A 185 -9.87 11.47 9.37
C LEU A 185 -10.50 12.69 10.04
N LEU A 186 -11.35 13.40 9.32
CA LEU A 186 -11.98 14.60 9.88
C LEU A 186 -13.32 14.26 10.53
N GLU A 187 -13.39 14.41 11.85
CA GLU A 187 -14.60 14.10 12.61
C GLU A 187 -15.70 15.13 12.43
N GLU A 188 -16.93 14.65 12.31
CA GLU A 188 -18.12 15.51 12.15
C GLU A 188 -18.06 16.63 11.11
N VAL A 189 -17.71 16.28 9.87
CA VAL A 189 -17.68 17.26 8.79
C VAL A 189 -18.93 17.02 7.95
N ASP A 190 -19.17 15.75 7.60
CA ASP A 190 -20.36 15.43 6.83
C ASP A 190 -21.55 15.60 7.78
N PRO A 191 -22.65 16.25 7.33
CA PRO A 191 -23.82 16.43 8.19
C PRO A 191 -24.45 15.10 8.53
N ASN A 192 -24.23 14.12 7.66
CA ASN A 192 -24.75 12.79 7.92
C ASN A 192 -23.67 12.15 8.80
N PRO A 193 -23.98 11.98 10.09
CA PRO A 193 -23.01 11.40 11.00
C PRO A 193 -22.56 9.99 10.65
N ALA A 194 -23.28 9.31 9.76
CA ALA A 194 -22.88 7.95 9.40
C ALA A 194 -21.75 7.91 8.37
N ASN A 195 -21.48 9.03 7.71
CA ASN A 195 -20.41 9.09 6.71
C ASN A 195 -19.03 9.43 7.28
N PHE A 196 -17.99 9.11 6.52
CA PHE A 196 -16.62 9.40 6.96
C PHE A 196 -16.00 10.36 5.97
N VAL A 197 -15.10 11.21 6.45
CA VAL A 197 -14.46 12.21 5.61
C VAL A 197 -12.95 12.22 5.89
N GLY A 198 -12.16 12.31 4.82
CA GLY A 198 -10.71 12.35 4.98
C GLY A 198 -10.08 13.44 4.12
N ALA A 199 -8.83 13.81 4.42
CA ALA A 199 -8.13 14.84 3.64
C ALA A 199 -6.65 14.73 3.87
N GLY A 200 -5.87 14.89 2.80
CA GLY A 200 -4.43 14.84 2.90
C GLY A 200 -3.77 15.28 1.61
N ILE A 201 -2.45 15.36 1.61
CA ILE A 201 -1.73 15.73 0.40
C ILE A 201 -0.80 14.59 0.00
N ILE A 202 -0.85 14.20 -1.27
CA ILE A 202 0.02 13.12 -1.75
C ILE A 202 1.26 13.84 -2.22
N HIS A 203 2.42 13.42 -1.73
CA HIS A 203 3.67 14.07 -2.07
C HIS A 203 4.53 13.27 -3.05
N THR A 204 5.02 13.96 -4.09
CA THR A 204 5.90 13.37 -5.07
C THR A 204 6.91 14.44 -5.42
N LYS A 205 8.06 14.04 -5.96
CA LYS A 205 9.11 14.98 -6.31
C LYS A 205 8.66 16.11 -7.23
N THR A 206 7.81 15.79 -8.20
CA THR A 206 7.38 16.76 -9.18
C THR A 206 6.06 17.49 -8.94
N THR A 207 5.22 16.97 -8.05
CA THR A 207 3.96 17.65 -7.84
C THR A 207 3.30 17.19 -6.56
N GLN A 208 2.62 18.12 -5.89
CA GLN A 208 1.92 17.82 -4.65
C GLN A 208 0.42 17.84 -4.97
N ILE A 209 -0.26 16.72 -4.73
CA ILE A 209 -1.67 16.60 -5.05
C ILE A 209 -2.58 16.68 -3.82
N GLY A 210 -3.43 17.70 -3.77
CA GLY A 210 -4.36 17.86 -2.65
C GLY A 210 -5.42 16.79 -2.81
N CYS A 211 -5.78 16.10 -1.71
CA CYS A 211 -6.76 15.02 -1.80
C CYS A 211 -7.84 15.04 -0.74
N LEU A 212 -9.08 14.84 -1.20
CA LEU A 212 -10.24 14.79 -0.33
C LEU A 212 -11.00 13.48 -0.57
N LEU A 213 -11.65 12.96 0.45
CA LEU A 213 -12.39 11.74 0.27
C LEU A 213 -13.62 11.60 1.17
N ARG A 214 -14.68 11.01 0.62
CA ARG A 214 -15.91 10.81 1.37
C ARG A 214 -16.30 9.35 1.24
N LEU A 215 -16.63 8.72 2.36
CA LEU A 215 -17.02 7.31 2.36
C LEU A 215 -18.41 7.19 2.95
N GLU A 216 -19.34 6.65 2.15
CA GLU A 216 -20.73 6.49 2.54
C GLU A 216 -21.16 5.03 2.64
N PRO A 217 -21.56 4.58 3.84
CA PRO A 217 -21.98 3.18 3.98
C PRO A 217 -23.48 3.03 3.75
N ASN A 218 -23.89 1.83 3.38
CA ASN A 218 -25.30 1.49 3.22
C ASN A 218 -25.37 0.07 3.80
N LEU A 219 -25.82 0.01 5.05
CA LEU A 219 -25.93 -1.24 5.77
C LEU A 219 -26.87 -2.24 5.13
N GLN A 220 -28.03 -1.76 4.69
CA GLN A 220 -29.03 -2.62 4.04
C GLN A 220 -28.42 -3.28 2.82
N ALA A 221 -27.84 -2.45 1.97
CA ALA A 221 -27.25 -2.92 0.73
C ALA A 221 -25.91 -3.61 0.96
N GLN A 222 -25.27 -3.32 2.09
CA GLN A 222 -23.96 -3.90 2.41
C GLN A 222 -23.00 -3.39 1.35
N MET A 223 -23.09 -2.10 1.08
CA MET A 223 -22.24 -1.43 0.10
C MET A 223 -21.76 -0.10 0.65
N TYR A 224 -20.77 0.47 -0.04
CA TYR A 224 -20.22 1.76 0.35
C TYR A 224 -20.12 2.53 -0.93
N ARG A 225 -20.21 3.84 -0.80
CA ARG A 225 -20.00 4.72 -1.94
C ARG A 225 -18.79 5.54 -1.48
N LEU A 226 -17.68 5.38 -2.20
CA LEU A 226 -16.46 6.10 -1.89
C LEU A 226 -16.21 7.14 -2.98
N THR A 227 -15.92 8.36 -2.57
CA THR A 227 -15.65 9.44 -3.51
C THR A 227 -14.30 10.11 -3.26
N LEU A 228 -13.47 10.20 -4.30
CA LEU A 228 -12.16 10.84 -4.21
C LEU A 228 -12.19 12.11 -5.07
N ARG A 229 -11.81 13.22 -4.48
CA ARG A 229 -11.72 14.45 -5.24
C ARG A 229 -10.29 14.95 -4.99
N THR A 230 -9.46 14.94 -6.05
CA THR A 230 -8.08 15.39 -5.91
C THR A 230 -7.68 16.27 -7.09
N SER A 231 -6.49 16.90 -6.99
CA SER A 231 -6.02 17.78 -8.06
C SER A 231 -5.37 17.06 -9.27
N LYS A 232 -5.54 15.74 -9.35
CA LYS A 232 -5.02 14.98 -10.47
C LYS A 232 -5.80 13.69 -10.69
N ASP A 233 -6.48 13.64 -11.83
CA ASP A 233 -7.32 12.49 -12.17
C ASP A 233 -6.73 11.12 -11.85
N THR A 234 -5.47 10.90 -12.20
CA THR A 234 -4.80 9.62 -11.96
C THR A 234 -4.62 9.33 -10.47
N VAL A 235 -4.54 10.38 -9.66
CA VAL A 235 -4.40 10.19 -8.21
C VAL A 235 -5.77 9.78 -7.67
N SER A 236 -6.82 10.47 -8.11
CA SER A 236 -8.16 10.11 -7.66
C SER A 236 -8.45 8.62 -8.01
N GLN A 237 -8.11 8.24 -9.22
CA GLN A 237 -8.37 6.87 -9.66
C GLN A 237 -7.60 5.82 -8.86
N ARG A 238 -6.30 6.02 -8.69
CA ARG A 238 -5.51 5.05 -7.93
C ARG A 238 -5.90 4.99 -6.45
N LEU A 239 -6.14 6.14 -5.81
CA LEU A 239 -6.52 6.15 -4.38
C LEU A 239 -7.88 5.49 -4.15
N CYS A 240 -8.82 5.77 -5.05
CA CYS A 240 -10.15 5.21 -4.93
C CYS A 240 -10.05 3.69 -5.08
N GLU A 241 -9.34 3.24 -6.11
CA GLU A 241 -9.18 1.81 -6.32
C GLU A 241 -8.53 1.15 -5.09
N LEU A 242 -7.42 1.70 -4.62
CA LEU A 242 -6.75 1.14 -3.46
C LEU A 242 -7.67 1.14 -2.23
N LEU A 243 -8.29 2.28 -1.94
CA LEU A 243 -9.14 2.33 -0.78
C LEU A 243 -10.36 1.42 -0.81
N SER A 244 -10.98 1.29 -1.98
CA SER A 244 -12.17 0.44 -2.14
C SER A 244 -11.97 -1.01 -1.74
N GLU A 245 -10.77 -1.53 -2.00
CA GLU A 245 -10.43 -2.92 -1.68
C GLU A 245 -10.31 -3.24 -0.19
N GLN A 246 -10.20 -2.19 0.62
CA GLN A 246 -10.03 -2.35 2.05
C GLN A 246 -11.29 -2.60 2.88
N PHE A 247 -12.48 -2.39 2.30
CA PHE A 247 -13.70 -2.56 3.07
C PHE A 247 -14.57 -3.73 2.67
N PHE B 1 9.32 -0.70 18.65
CA PHE B 1 8.98 -0.66 17.20
C PHE B 1 8.09 -1.85 16.85
N SER B 2 7.37 -1.75 15.75
CA SER B 2 6.47 -2.82 15.36
C SER B 2 7.24 -4.01 14.78
N ASP B 3 6.73 -5.20 15.09
CA ASP B 3 7.32 -6.45 14.67
C ASP B 3 7.10 -6.72 13.17
N PRO B 4 8.20 -6.90 12.41
CA PRO B 4 8.06 -7.16 10.96
C PRO B 4 7.27 -8.46 10.72
N TRP B 5 7.29 -9.35 11.71
CA TRP B 5 6.59 -10.62 11.61
C TRP B 5 5.19 -10.58 12.22
N GLY B 6 4.75 -9.41 12.66
CA GLY B 6 3.43 -9.30 13.27
C GLY B 6 2.37 -8.63 12.40
N GLY B 7 2.00 -9.30 11.31
CA GLY B 7 0.99 -8.76 10.42
C GLY B 7 0.79 -9.63 9.18
#